data_8IAG
#
_entry.id   8IAG
#
_cell.length_a   74.558
_cell.length_b   107.52
_cell.length_c   120.016
_cell.angle_alpha   90.0
_cell.angle_beta   90.0
_cell.angle_gamma   90.0
#
_symmetry.space_group_name_H-M   'C 2 2 21'
#
loop_
_entity.id
_entity.type
_entity.pdbx_description
1 polymer rDcaUPO
2 non-polymer 'PROTOPORPHYRIN IX CONTAINING FE'
3 non-polymer IMIDAZOLE
4 non-polymer (4S)-2-METHYL-2,4-PENTANEDIOL
5 non-polymer 'MAGNESIUM ION'
6 water water
#
_entity_poly.entity_id   1
_entity_poly.type   'polypeptide(L)'
_entity_poly.pdbx_seq_one_letter_code
;HHHHHHSSGLVPRGSHMAPWKAPGPDDVRGPCPMLNTLANHGFLPHDGKNIDVNTTVNALSSALNLDDELSRDLHTFAVT
TNPQPNATWFSLNHLSRHNVLEHDASLSRQDAYFGPPDVFNAAVFNETKAYWTGDIINFQMAANALTARLMTSNLTNPEF
SMSQLGRGFGLGETVCYVTILGSKETRTVPKAFVEYLFENERLPYELGFKKMKSALTEDELTTMMGEIYSLQHLPESFTK
PFAKRSEAPFEKRAEKRCPFH
;
_entity_poly.pdbx_strand_id   A,B
#
# COMPACT_ATOMS: atom_id res chain seq x y z
N ALA A 18 13.81 8.36 -11.73
CA ALA A 18 13.02 7.29 -11.12
C ALA A 18 12.85 6.12 -12.07
N PRO A 19 12.89 4.89 -11.53
CA PRO A 19 12.66 3.71 -12.38
C PRO A 19 11.29 3.78 -13.04
N TRP A 20 11.24 3.42 -14.31
CA TRP A 20 10.01 3.51 -15.08
C TRP A 20 10.16 2.61 -16.29
N LYS A 21 9.08 1.93 -16.63
CA LYS A 21 9.09 1.05 -17.79
C LYS A 21 7.73 1.05 -18.45
N ALA A 22 7.68 1.22 -19.77
CA ALA A 22 6.43 1.19 -20.49
C ALA A 22 5.80 -0.20 -20.40
N PRO A 23 4.47 -0.29 -20.50
CA PRO A 23 3.85 -1.62 -20.48
C PRO A 23 4.20 -2.41 -21.72
N GLY A 24 4.36 -3.72 -21.55
CA GLY A 24 4.56 -4.62 -22.68
C GLY A 24 3.28 -5.35 -23.04
N PRO A 25 3.38 -6.32 -23.97
CA PRO A 25 2.24 -7.06 -24.52
C PRO A 25 1.33 -7.70 -23.49
N ASP A 26 1.91 -8.22 -22.42
CA ASP A 26 1.13 -8.97 -21.44
C ASP A 26 0.83 -8.14 -20.19
N ASP A 27 1.17 -6.86 -20.23
CA ASP A 27 0.81 -5.95 -19.14
C ASP A 27 -0.56 -5.36 -19.47
N VAL A 28 -1.34 -5.03 -18.45
CA VAL A 28 -2.63 -4.37 -18.70
C VAL A 28 -2.67 -2.99 -18.07
N ARG A 29 -3.40 -2.10 -18.74
CA ARG A 29 -3.56 -0.74 -18.27
C ARG A 29 -5.06 -0.42 -18.34
N GLY A 30 -5.43 0.71 -17.73
CA GLY A 30 -6.82 1.10 -17.64
C GLY A 30 -7.03 2.56 -18.01
N PRO A 31 -8.17 3.13 -17.58
CA PRO A 31 -8.57 4.49 -17.98
C PRO A 31 -8.06 5.55 -17.01
N CYS A 32 -7.39 5.14 -15.95
CA CYS A 32 -6.90 6.10 -14.96
C CYS A 32 -5.46 6.46 -15.25
N PRO A 33 -5.20 7.72 -15.57
CA PRO A 33 -3.80 8.06 -15.87
C PRO A 33 -2.87 7.83 -14.68
N MET A 34 -3.38 8.02 -13.45
CA MET A 34 -2.50 7.88 -12.31
C MET A 34 -2.21 6.42 -11.98
N LEU A 35 -3.22 5.55 -11.98
CA LEU A 35 -2.92 4.14 -11.70
C LEU A 35 -2.00 3.58 -12.78
N ASN A 36 -2.20 3.98 -14.04
CA ASN A 36 -1.29 3.54 -15.11
C ASN A 36 0.15 3.95 -14.81
N THR A 37 0.29 5.22 -14.41
CA THR A 37 1.59 5.76 -14.04
C THR A 37 2.24 4.99 -12.90
N LEU A 38 1.46 4.69 -11.87
CA LEU A 38 1.99 3.99 -10.71
C LEU A 38 2.43 2.57 -11.08
N ALA A 39 1.71 1.93 -12.01
CA ALA A 39 2.16 0.64 -12.51
C ALA A 39 3.46 0.78 -13.31
N ASN A 40 3.55 1.80 -14.14
CA ASN A 40 4.78 2.00 -14.92
C ASN A 40 6.01 2.19 -14.04
N HIS A 41 5.83 2.83 -12.89
CA HIS A 41 6.92 3.05 -11.96
C HIS A 41 7.17 1.85 -11.05
N GLY A 42 6.22 0.92 -11.03
CA GLY A 42 6.33 -0.25 -10.16
C GLY A 42 5.85 -0.04 -8.73
N PHE A 43 5.18 1.08 -8.47
CA PHE A 43 4.49 1.26 -7.18
C PHE A 43 3.34 0.26 -7.08
N LEU A 44 2.65 0.08 -8.21
CA LEU A 44 1.70 -1.01 -8.40
C LEU A 44 2.42 -2.06 -9.22
N PRO A 45 1.93 -3.33 -9.19
CA PRO A 45 2.56 -4.34 -10.06
C PRO A 45 2.67 -3.83 -11.48
N HIS A 46 3.84 -3.98 -12.08
CA HIS A 46 4.06 -3.43 -13.42
C HIS A 46 3.12 -4.06 -14.44
N ASP A 47 2.70 -5.31 -14.21
CA ASP A 47 1.79 -5.92 -15.19
C ASP A 47 0.34 -5.47 -15.00
N GLY A 48 0.07 -4.65 -13.99
CA GLY A 48 -1.27 -4.10 -13.79
C GLY A 48 -2.29 -5.06 -13.22
N LYS A 49 -1.84 -6.25 -12.80
CA LYS A 49 -2.77 -7.32 -12.42
C LYS A 49 -2.76 -7.64 -10.91
N ASN A 50 -3.91 -8.09 -10.42
CA ASN A 50 -4.04 -8.63 -9.07
C ASN A 50 -3.55 -7.65 -8.01
N ILE A 51 -4.21 -6.51 -7.99
CA ILE A 51 -3.92 -5.45 -7.03
C ILE A 51 -4.81 -5.64 -5.81
N ASP A 52 -4.18 -6.02 -4.69
CA ASP A 52 -4.86 -6.24 -3.43
C ASP A 52 -4.95 -4.95 -2.62
N VAL A 53 -5.70 -4.97 -1.52
CA VAL A 53 -5.92 -3.73 -0.78
C VAL A 53 -4.64 -3.23 -0.08
N ASN A 54 -3.77 -4.14 0.34
CA ASN A 54 -2.52 -3.72 0.97
C ASN A 54 -1.64 -3.00 -0.03
N THR A 55 -1.53 -3.58 -1.22
CA THR A 55 -0.82 -2.93 -2.31
C THR A 55 -1.39 -1.55 -2.62
N THR A 56 -2.71 -1.44 -2.75
CA THR A 56 -3.30 -0.13 -3.06
C THR A 56 -2.99 0.92 -2.00
N VAL A 57 -3.26 0.59 -0.75
CA VAL A 57 -3.06 1.56 0.32
C VAL A 57 -1.59 1.96 0.42
N ASN A 58 -0.70 0.98 0.35
CA ASN A 58 0.70 1.30 0.52
C ASN A 58 1.27 2.03 -0.69
N ALA A 59 0.76 1.73 -1.89
CA ALA A 59 1.23 2.39 -3.10
C ALA A 59 0.80 3.85 -3.16
N LEU A 60 -0.46 4.11 -2.83
CA LEU A 60 -0.95 5.48 -2.86
C LEU A 60 -0.29 6.30 -1.75
N SER A 61 0.08 5.65 -0.66
CA SER A 61 0.78 6.34 0.42
C SER A 61 2.21 6.67 -0.01
N SER A 62 2.90 5.65 -0.51
CA SER A 62 4.31 5.77 -0.88
C SER A 62 4.54 6.77 -1.99
N ALA A 63 3.72 6.68 -3.04
CA ALA A 63 3.93 7.52 -4.20
C ALA A 63 3.39 8.93 -4.02
N LEU A 64 2.23 9.04 -3.36
CA LEU A 64 1.44 10.27 -3.42
C LEU A 64 1.04 10.84 -2.07
N ASN A 65 1.31 10.10 -1.00
CA ASN A 65 0.91 10.46 0.36
C ASN A 65 -0.59 10.75 0.47
N LEU A 66 -1.41 9.84 -0.06
CA LEU A 66 -2.84 9.87 0.25
C LEU A 66 -3.11 9.21 1.60
N ASP A 67 -4.11 9.72 2.31
CA ASP A 67 -4.53 9.11 3.57
C ASP A 67 -5.07 7.71 3.33
N ASP A 68 -4.80 6.78 4.25
CA ASP A 68 -5.20 5.38 4.09
C ASP A 68 -6.69 5.20 3.86
N GLU A 69 -7.51 5.99 4.55
CA GLU A 69 -8.96 5.83 4.44
C GLU A 69 -9.42 6.11 3.03
N LEU A 70 -8.87 7.18 2.46
CA LEU A 70 -9.20 7.54 1.08
C LEU A 70 -8.76 6.43 0.14
N SER A 71 -7.52 5.95 0.30
CA SER A 71 -7.03 4.87 -0.55
C SER A 71 -7.85 3.59 -0.43
N ARG A 72 -8.22 3.25 0.81
CA ARG A 72 -9.01 2.05 1.04
C ARG A 72 -10.37 2.17 0.36
N ASP A 73 -10.98 3.35 0.43
CA ASP A 73 -12.27 3.55 -0.22
C ASP A 73 -12.15 3.53 -1.75
N LEU A 74 -11.08 4.09 -2.29
CA LEU A 74 -10.86 3.96 -3.73
C LEU A 74 -10.72 2.48 -4.14
N HIS A 75 -10.03 1.69 -3.31
CA HIS A 75 -9.90 0.27 -3.59
C HIS A 75 -11.27 -0.41 -3.60
N THR A 76 -12.12 -0.03 -2.66
CA THR A 76 -13.46 -0.62 -2.54
C THR A 76 -14.28 -0.32 -3.81
N PHE A 77 -14.14 0.88 -4.36
CA PHE A 77 -14.74 1.19 -5.66
C PHE A 77 -14.14 0.30 -6.75
N ALA A 78 -12.82 0.19 -6.79
CA ALA A 78 -12.12 -0.53 -7.85
C ALA A 78 -12.57 -1.98 -7.95
N VAL A 79 -12.75 -2.65 -6.82
CA VAL A 79 -13.04 -4.08 -6.87
C VAL A 79 -14.45 -4.34 -7.42
N THR A 80 -15.32 -3.34 -7.44
CA THR A 80 -16.64 -3.53 -8.04
C THR A 80 -16.54 -3.73 -9.54
N THR A 81 -15.39 -3.44 -10.14
CA THR A 81 -15.21 -3.68 -11.59
C THR A 81 -14.64 -5.07 -11.89
N ASN A 82 -14.22 -5.78 -10.86
CA ASN A 82 -13.75 -7.15 -11.08
C ASN A 82 -14.96 -8.05 -11.29
N PRO A 83 -15.01 -8.77 -12.42
CA PRO A 83 -16.21 -9.58 -12.67
C PRO A 83 -16.45 -10.70 -11.64
N GLN A 84 -15.42 -11.09 -10.91
CA GLN A 84 -15.60 -12.03 -9.82
C GLN A 84 -16.42 -11.39 -8.70
N PRO A 85 -17.56 -11.99 -8.35
CA PRO A 85 -18.39 -11.43 -7.27
C PRO A 85 -17.61 -11.31 -5.96
N ASN A 86 -17.79 -10.21 -5.22
CA ASN A 86 -17.16 -10.03 -3.91
C ASN A 86 -15.64 -10.15 -3.93
N ALA A 87 -15.02 -9.81 -5.05
CA ALA A 87 -13.56 -9.90 -5.13
C ALA A 87 -12.90 -8.91 -4.17
N THR A 88 -11.70 -9.25 -3.74
CA THR A 88 -10.91 -8.39 -2.87
C THR A 88 -9.77 -7.69 -3.61
N TRP A 89 -9.69 -7.89 -4.92
CA TRP A 89 -8.58 -7.40 -5.74
C TRP A 89 -9.13 -6.97 -7.09
N PHE A 90 -8.32 -6.23 -7.84
CA PHE A 90 -8.71 -5.87 -9.19
C PHE A 90 -7.48 -5.76 -10.08
N SER A 91 -7.73 -5.68 -11.38
CA SER A 91 -6.67 -5.43 -12.35
C SER A 91 -7.03 -4.19 -13.14
N LEU A 92 -6.02 -3.53 -13.70
CA LEU A 92 -6.27 -2.21 -14.26
C LEU A 92 -7.24 -2.25 -15.44
N ASN A 93 -7.23 -3.30 -16.25
CA ASN A 93 -8.16 -3.35 -17.38
C ASN A 93 -9.62 -3.59 -16.95
N HIS A 94 -9.84 -4.10 -15.74
CA HIS A 94 -11.21 -4.22 -15.22
C HIS A 94 -11.86 -2.84 -15.15
N LEU A 95 -11.05 -1.86 -14.80
CA LEU A 95 -11.54 -0.49 -14.62
C LEU A 95 -12.11 0.14 -15.88
N SER A 96 -11.76 -0.39 -17.04
CA SER A 96 -12.12 0.27 -18.28
C SER A 96 -13.58 0.08 -18.70
N ARG A 97 -14.29 -0.88 -18.09
CA ARG A 97 -15.59 -1.25 -18.63
C ARG A 97 -16.52 -0.06 -18.59
N HIS A 98 -17.16 0.21 -19.71
CA HIS A 98 -17.94 1.44 -19.83
C HIS A 98 -19.12 1.49 -18.85
N ASN A 99 -19.26 2.65 -18.21
CA ASN A 99 -20.40 2.95 -17.33
C ASN A 99 -20.49 2.07 -16.09
N VAL A 100 -19.33 1.65 -15.59
CA VAL A 100 -19.25 1.12 -14.23
C VAL A 100 -18.56 2.22 -13.40
N LEU A 101 -17.23 2.31 -13.43
CA LEU A 101 -16.53 3.49 -12.91
C LEU A 101 -16.11 4.42 -14.04
N GLU A 102 -15.81 3.84 -15.20
CA GLU A 102 -15.51 4.62 -16.40
C GLU A 102 -16.76 5.34 -16.89
N HIS A 103 -16.58 6.57 -17.36
CA HIS A 103 -17.72 7.40 -17.80
C HIS A 103 -17.35 8.28 -18.98
N ASP A 104 -18.40 8.78 -19.63
CA ASP A 104 -18.24 9.77 -20.70
C ASP A 104 -17.64 11.09 -20.20
N ALA A 105 -17.29 11.95 -21.14
CA ALA A 105 -16.76 13.30 -20.85
C ALA A 105 -15.46 13.28 -20.08
N SER A 106 -14.65 12.24 -20.32
CA SER A 106 -13.29 12.21 -19.78
C SER A 106 -12.44 13.31 -20.40
N LEU A 107 -11.39 13.69 -19.66
CA LEU A 107 -10.52 14.77 -20.07
C LEU A 107 -9.51 14.37 -21.14
N SER A 108 -9.21 13.07 -21.23
CA SER A 108 -8.11 12.62 -22.08
C SER A 108 -8.41 11.35 -22.84
N ARG A 109 -9.63 10.82 -22.68
CA ARG A 109 -10.06 9.56 -23.32
C ARG A 109 -11.27 9.83 -24.19
N GLN A 110 -11.45 9.05 -25.25
CA GLN A 110 -12.69 9.06 -26.01
C GLN A 110 -13.87 8.53 -25.18
N ASP A 111 -15.06 9.04 -25.47
CA ASP A 111 -16.29 8.36 -25.03
C ASP A 111 -16.32 6.99 -25.70
N ALA A 112 -16.83 5.99 -24.98
CA ALA A 112 -16.92 4.62 -25.50
C ALA A 112 -17.63 4.55 -26.84
N TYR A 113 -18.63 5.41 -27.05
CA TYR A 113 -19.36 5.40 -28.31
C TYR A 113 -18.44 5.63 -29.48
N PHE A 114 -17.41 6.47 -29.28
CA PHE A 114 -16.52 6.86 -30.37
C PHE A 114 -15.25 6.03 -30.47
N GLY A 115 -14.77 5.50 -29.34
CA GLY A 115 -13.55 4.72 -29.36
C GLY A 115 -13.33 4.04 -28.03
N PRO A 116 -12.35 3.14 -27.96
CA PRO A 116 -12.02 2.51 -26.67
C PRO A 116 -11.72 3.58 -25.62
N PRO A 117 -12.40 3.52 -24.47
CA PRO A 117 -12.32 4.62 -23.50
C PRO A 117 -11.19 4.43 -22.50
N ASP A 118 -10.20 3.59 -22.82
CA ASP A 118 -9.11 3.36 -21.89
C ASP A 118 -7.82 4.13 -22.22
N VAL A 119 -7.47 4.24 -23.50
CA VAL A 119 -6.17 4.80 -23.86
C VAL A 119 -6.19 6.32 -24.02
N PHE A 120 -5.04 6.93 -23.80
CA PHE A 120 -4.89 8.37 -24.00
C PHE A 120 -5.23 8.76 -25.44
N ASN A 121 -5.96 9.85 -25.59
CA ASN A 121 -6.30 10.41 -26.89
C ASN A 121 -5.88 11.86 -26.97
N ALA A 122 -4.96 12.16 -27.88
CA ALA A 122 -4.38 13.50 -27.96
C ALA A 122 -5.40 14.54 -28.39
N ALA A 123 -6.37 14.16 -29.22
CA ALA A 123 -7.38 15.12 -29.64
C ALA A 123 -8.33 15.51 -28.52
N VAL A 124 -8.75 14.54 -27.71
CA VAL A 124 -9.57 14.89 -26.56
C VAL A 124 -8.78 15.76 -25.59
N PHE A 125 -7.53 15.39 -25.32
CA PHE A 125 -6.73 16.16 -24.37
C PHE A 125 -6.45 17.58 -24.88
N ASN A 126 -6.41 17.74 -26.20
CA ASN A 126 -6.19 19.05 -26.82
C ASN A 126 -7.32 20.00 -26.46
N GLU A 127 -8.54 19.48 -26.39
CA GLU A 127 -9.69 20.27 -25.96
C GLU A 127 -9.54 20.68 -24.51
N THR A 128 -9.30 19.70 -23.63
CA THR A 128 -9.13 19.97 -22.21
C THR A 128 -8.08 21.04 -21.95
N LYS A 129 -6.91 20.86 -22.55
CA LYS A 129 -5.76 21.77 -22.33
C LYS A 129 -6.07 23.21 -22.70
N ALA A 130 -6.99 23.41 -23.64
CA ALA A 130 -7.34 24.76 -24.06
C ALA A 130 -7.84 25.61 -22.90
N TYR A 131 -8.42 24.97 -21.89
CA TYR A 131 -9.05 25.70 -20.79
C TYR A 131 -8.08 25.94 -19.66
N TRP A 132 -6.88 25.39 -19.80
CA TRP A 132 -5.83 25.66 -18.83
C TRP A 132 -5.04 26.85 -19.34
N THR A 133 -5.61 28.03 -19.15
CA THR A 133 -5.08 29.23 -19.81
C THR A 133 -4.15 29.99 -18.88
N GLY A 134 -3.09 29.31 -18.46
CA GLY A 134 -2.02 29.88 -17.66
C GLY A 134 -0.97 28.81 -17.42
N ASP A 135 0.19 29.18 -16.88
CA ASP A 135 1.21 28.19 -16.50
C ASP A 135 0.82 27.47 -15.21
N ILE A 136 -0.09 28.08 -14.46
CA ILE A 136 -0.63 27.49 -13.25
C ILE A 136 -2.12 27.24 -13.42
N ILE A 137 -2.53 25.99 -13.20
CA ILE A 137 -3.96 25.66 -13.26
C ILE A 137 -4.61 25.94 -11.92
N ASN A 138 -5.70 26.70 -11.93
CA ASN A 138 -6.47 26.93 -10.70
C ASN A 138 -7.82 26.23 -10.80
N PHE A 139 -8.63 26.35 -9.75
CA PHE A 139 -9.89 25.59 -9.75
C PHE A 139 -10.88 26.10 -10.79
N GLN A 140 -10.89 27.41 -11.09
CA GLN A 140 -11.78 27.90 -12.13
C GLN A 140 -11.45 27.28 -13.49
N MET A 141 -10.15 27.21 -13.82
CA MET A 141 -9.74 26.56 -15.06
C MET A 141 -10.12 25.10 -15.11
N ALA A 142 -9.91 24.40 -13.99
CA ALA A 142 -10.25 23.00 -13.92
C ALA A 142 -11.76 22.81 -14.08
N ALA A 143 -12.55 23.66 -13.41
CA ALA A 143 -14.00 23.61 -13.55
C ALA A 143 -14.41 23.88 -15.01
N ASN A 144 -13.73 24.83 -15.67
CA ASN A 144 -14.05 25.16 -17.05
C ASN A 144 -13.77 24.01 -18.01
N ALA A 145 -12.64 23.33 -17.80
CA ALA A 145 -12.30 22.18 -18.65
C ALA A 145 -13.33 21.06 -18.51
N LEU A 146 -13.72 20.77 -17.27
CA LEU A 146 -14.70 19.72 -17.03
C LEU A 146 -16.04 20.08 -17.63
N THR A 147 -16.45 21.35 -17.44
CA THR A 147 -17.69 21.82 -18.06
C THR A 147 -17.65 21.68 -19.58
N ALA A 148 -16.53 22.06 -20.19
CA ALA A 148 -16.42 21.97 -21.64
C ALA A 148 -16.58 20.54 -22.12
N ARG A 149 -15.89 19.62 -21.43
CA ARG A 149 -15.94 18.23 -21.87
C ARG A 149 -17.34 17.62 -21.71
N LEU A 150 -18.01 17.97 -20.60
CA LEU A 150 -19.40 17.53 -20.40
C LEU A 150 -20.30 18.05 -21.52
N MET A 151 -20.16 19.32 -21.88
CA MET A 151 -21.03 19.87 -22.91
C MET A 151 -20.70 19.28 -24.28
N THR A 152 -19.42 19.05 -24.57
CA THR A 152 -19.04 18.44 -25.84
C THR A 152 -19.62 17.03 -25.96
N SER A 153 -19.50 16.23 -24.90
CA SER A 153 -20.08 14.88 -24.94
C SER A 153 -21.60 14.92 -25.10
N ASN A 154 -22.25 15.81 -24.36
CA ASN A 154 -23.70 15.93 -24.44
C ASN A 154 -24.15 16.32 -25.87
N LEU A 155 -23.36 17.17 -26.53
CA LEU A 155 -23.75 17.65 -27.86
C LEU A 155 -23.43 16.67 -28.98
N THR A 156 -22.41 15.83 -28.81
CA THR A 156 -21.92 15.01 -29.92
C THR A 156 -22.20 13.51 -29.81
N ASN A 157 -22.40 13.02 -28.59
CA ASN A 157 -22.52 11.58 -28.37
C ASN A 157 -23.98 11.19 -28.21
N PRO A 158 -24.56 10.48 -29.19
CA PRO A 158 -25.98 10.14 -29.10
C PRO A 158 -26.28 9.13 -27.98
N GLU A 159 -25.25 8.50 -27.44
CA GLU A 159 -25.40 7.58 -26.32
C GLU A 159 -24.87 8.17 -25.03
N PHE A 160 -24.65 9.49 -24.99
CA PHE A 160 -24.15 10.16 -23.79
C PHE A 160 -24.95 9.79 -22.55
N SER A 161 -24.23 9.47 -21.49
CA SER A 161 -24.87 9.27 -20.20
C SER A 161 -24.02 9.86 -19.10
N MET A 162 -24.66 10.46 -18.12
CA MET A 162 -23.92 10.95 -16.96
C MET A 162 -24.80 10.82 -15.74
N SER A 163 -24.59 9.75 -14.99
CA SER A 163 -25.36 9.50 -13.79
C SER A 163 -24.94 10.45 -12.68
N GLN A 164 -25.69 10.45 -11.58
CA GLN A 164 -25.26 11.19 -10.40
C GLN A 164 -23.90 10.72 -9.93
N LEU A 165 -23.69 9.40 -9.92
CA LEU A 165 -22.41 8.83 -9.53
C LEU A 165 -21.30 9.27 -10.46
N GLY A 166 -21.53 9.14 -11.76
CA GLY A 166 -20.54 9.52 -12.76
C GLY A 166 -20.17 11.00 -12.66
N ARG A 167 -21.16 11.84 -12.38
CA ARG A 167 -20.89 13.26 -12.19
C ARG A 167 -19.97 13.49 -11.00
N GLY A 168 -20.28 12.81 -9.89
CA GLY A 168 -19.38 12.81 -8.74
C GLY A 168 -17.99 12.29 -9.06
N PHE A 169 -17.90 11.22 -9.86
CA PHE A 169 -16.60 10.66 -10.23
C PHE A 169 -15.77 11.71 -10.95
N GLY A 170 -16.37 12.41 -11.92
CA GLY A 170 -15.66 13.46 -12.64
C GLY A 170 -15.18 14.59 -11.76
N LEU A 171 -16.00 14.99 -10.79
CA LEU A 171 -15.57 16.03 -9.85
C LEU A 171 -14.34 15.56 -9.07
N GLY A 172 -14.39 14.32 -8.57
CA GLY A 172 -13.27 13.78 -7.82
C GLY A 172 -12.01 13.69 -8.65
N GLU A 173 -12.14 13.26 -9.91
CA GLU A 173 -11.00 13.12 -10.80
C GLU A 173 -10.32 14.48 -11.02
N THR A 174 -11.12 15.53 -11.21
CA THR A 174 -10.56 16.85 -11.42
C THR A 174 -9.86 17.37 -10.17
N VAL A 175 -10.47 17.19 -8.99
CA VAL A 175 -9.81 17.59 -7.76
C VAL A 175 -8.49 16.82 -7.60
N CYS A 176 -8.49 15.55 -7.99
CA CYS A 176 -7.30 14.74 -7.83
C CYS A 176 -6.11 15.24 -8.67
N TYR A 177 -6.30 15.54 -9.96
CA TYR A 177 -5.11 15.96 -10.71
C TYR A 177 -4.58 17.31 -10.23
N VAL A 178 -5.44 18.22 -9.80
CA VAL A 178 -4.96 19.49 -9.29
C VAL A 178 -4.26 19.33 -7.94
N THR A 179 -4.89 18.63 -7.00
CA THR A 179 -4.37 18.67 -5.63
C THR A 179 -3.39 17.55 -5.29
N ILE A 180 -3.38 16.48 -6.05
CA ILE A 180 -2.42 15.42 -5.78
C ILE A 180 -1.10 15.67 -6.53
N LEU A 181 -1.17 16.29 -7.71
CA LEU A 181 0.06 16.72 -8.39
C LEU A 181 0.52 18.09 -7.90
N GLY A 182 -0.43 18.88 -7.39
CA GLY A 182 -0.16 20.23 -6.97
C GLY A 182 -0.39 20.43 -5.49
N SER A 183 -1.18 21.43 -5.15
CA SER A 183 -1.36 21.83 -3.76
C SER A 183 -2.82 21.89 -3.35
N LYS A 184 -3.19 21.08 -2.37
CA LYS A 184 -4.53 21.19 -1.79
C LYS A 184 -4.67 22.51 -1.03
N GLU A 185 -3.54 23.04 -0.55
CA GLU A 185 -3.57 24.27 0.22
C GLU A 185 -3.93 25.48 -0.64
N THR A 186 -3.31 25.59 -1.82
CA THR A 186 -3.54 26.75 -2.69
C THR A 186 -4.54 26.43 -3.80
N ARG A 187 -4.93 25.15 -3.89
CA ARG A 187 -5.83 24.65 -4.93
C ARG A 187 -5.32 24.99 -6.34
N THR A 188 -4.03 24.74 -6.56
CA THR A 188 -3.40 25.02 -7.84
C THR A 188 -2.34 23.99 -8.14
N VAL A 189 -1.97 23.89 -9.42
CA VAL A 189 -0.96 22.94 -9.85
C VAL A 189 -0.26 23.50 -11.09
N PRO A 190 1.05 23.29 -11.22
CA PRO A 190 1.67 23.69 -12.48
C PRO A 190 1.07 22.91 -13.66
N LYS A 191 0.70 23.63 -14.71
CA LYS A 191 0.13 22.99 -15.89
C LYS A 191 1.06 21.92 -16.44
N ALA A 192 2.36 22.20 -16.44
CA ALA A 192 3.34 21.26 -16.98
C ALA A 192 3.31 19.92 -16.24
N PHE A 193 3.05 19.93 -14.94
CA PHE A 193 2.97 18.67 -14.18
C PHE A 193 1.85 17.81 -14.72
N VAL A 194 0.71 18.44 -14.98
CA VAL A 194 -0.49 17.72 -15.37
C VAL A 194 -0.34 17.18 -16.79
N GLU A 195 0.15 18.01 -17.70
CA GLU A 195 0.38 17.58 -19.07
C GLU A 195 1.35 16.40 -19.10
N TYR A 196 2.39 16.48 -18.28
CA TYR A 196 3.41 15.43 -18.22
C TYR A 196 2.80 14.09 -17.78
N LEU A 197 1.99 14.13 -16.71
CA LEU A 197 1.36 12.91 -16.20
C LEU A 197 0.48 12.27 -17.28
N PHE A 198 -0.40 13.06 -17.88
CA PHE A 198 -1.33 12.52 -18.86
C PHE A 198 -0.62 12.02 -20.12
N GLU A 199 0.33 12.79 -20.63
CA GLU A 199 0.92 12.46 -21.91
C GLU A 199 1.98 11.36 -21.80
N ASN A 200 2.59 11.21 -20.62
CA ASN A 200 3.69 10.26 -20.46
C ASN A 200 3.38 9.08 -19.55
N GLU A 201 2.31 9.20 -18.76
CA GLU A 201 2.00 8.27 -17.66
C GLU A 201 3.27 7.95 -16.87
N ARG A 202 3.89 9.05 -16.44
CA ARG A 202 5.12 9.06 -15.67
C ARG A 202 4.98 10.21 -14.69
N LEU A 203 5.40 10.04 -13.44
CA LEU A 203 5.29 11.15 -12.49
C LEU A 203 6.29 12.23 -12.89
N PRO A 204 5.90 13.51 -12.78
CA PRO A 204 6.75 14.62 -13.25
C PRO A 204 7.88 14.97 -12.29
N TYR A 205 8.55 13.95 -11.77
CA TYR A 205 9.74 14.15 -10.96
C TYR A 205 10.77 15.07 -11.60
N GLU A 206 11.00 14.92 -12.90
CA GLU A 206 12.08 15.69 -13.52
C GLU A 206 11.70 17.16 -13.67
N LEU A 207 10.43 17.47 -13.46
CA LEU A 207 10.00 18.87 -13.48
C LEU A 207 10.00 19.46 -12.07
N GLY A 208 10.33 18.64 -11.08
CA GLY A 208 10.41 19.12 -9.71
C GLY A 208 9.32 18.59 -8.79
N PHE A 209 8.49 17.69 -9.29
CA PHE A 209 7.41 17.16 -8.47
C PHE A 209 7.91 16.37 -7.27
N LYS A 210 7.34 16.69 -6.10
CA LYS A 210 7.52 15.88 -4.90
C LYS A 210 6.15 15.71 -4.25
N LYS A 211 5.85 14.52 -3.74
CA LYS A 211 4.53 14.26 -3.16
C LYS A 211 4.23 15.21 -1.98
N MET A 212 2.95 15.43 -1.76
CA MET A 212 2.51 16.36 -0.72
C MET A 212 2.98 15.96 0.68
N LYS A 213 3.26 16.96 1.51
CA LYS A 213 3.73 16.69 2.85
C LYS A 213 2.57 16.35 3.80
N SER A 214 1.41 16.95 3.56
CA SER A 214 0.21 16.73 4.36
C SER A 214 -0.77 15.84 3.59
N ALA A 215 -0.99 14.61 4.09
CA ALA A 215 -1.80 13.63 3.35
C ALA A 215 -3.21 14.12 3.04
N LEU A 216 -3.64 13.88 1.81
CA LEU A 216 -4.98 14.23 1.39
C LEU A 216 -6.01 13.31 2.02
N THR A 217 -7.01 13.88 2.68
CA THR A 217 -8.06 13.10 3.32
C THR A 217 -9.34 13.10 2.49
N GLU A 218 -10.21 12.16 2.79
CA GLU A 218 -11.54 12.11 2.15
C GLU A 218 -12.33 13.38 2.35
N ASP A 219 -12.32 13.91 3.57
CA ASP A 219 -13.06 15.12 3.87
C ASP A 219 -12.56 16.29 3.03
N GLU A 220 -11.24 16.39 2.87
CA GLU A 220 -10.66 17.44 2.04
C GLU A 220 -11.09 17.27 0.59
N LEU A 221 -11.04 16.04 0.10
CA LEU A 221 -11.45 15.76 -1.27
C LEU A 221 -12.92 16.13 -1.50
N THR A 222 -13.80 15.70 -0.61
CA THR A 222 -15.23 16.00 -0.73
C THR A 222 -15.50 17.51 -0.72
N THR A 223 -14.86 18.22 0.19
CA THR A 223 -14.99 19.68 0.25
C THR A 223 -14.59 20.31 -1.08
N MET A 224 -13.46 19.88 -1.62
CA MET A 224 -12.96 20.48 -2.85
C MET A 224 -13.82 20.09 -4.07
N MET A 225 -14.42 18.91 -4.04
CA MET A 225 -15.36 18.53 -5.10
C MET A 225 -16.52 19.50 -5.16
N GLY A 226 -17.00 19.90 -4.00
CA GLY A 226 -18.05 20.91 -3.94
C GLY A 226 -17.59 22.25 -4.48
N GLU A 227 -16.33 22.60 -4.23
CA GLU A 227 -15.80 23.86 -4.74
C GLU A 227 -15.75 23.87 -6.27
N ILE A 228 -15.24 22.80 -6.87
CA ILE A 228 -15.23 22.69 -8.33
C ILE A 228 -16.64 22.82 -8.88
N TYR A 229 -17.57 22.08 -8.27
CA TYR A 229 -18.96 22.11 -8.69
C TYR A 229 -19.50 23.55 -8.71
N SER A 230 -19.19 24.30 -7.67
CA SER A 230 -19.69 25.67 -7.55
C SER A 230 -19.11 26.65 -8.57
N LEU A 231 -17.99 26.28 -9.21
CA LEU A 231 -17.35 27.15 -10.19
C LEU A 231 -17.74 26.80 -11.63
N GLN A 232 -18.43 25.67 -11.81
CA GLN A 232 -18.82 25.26 -13.16
C GLN A 232 -20.00 26.07 -13.66
N HIS A 233 -20.09 26.19 -14.97
CA HIS A 233 -21.21 26.89 -15.58
C HIS A 233 -21.91 25.97 -16.57
N LEU A 234 -22.61 25.00 -16.01
CA LEU A 234 -23.40 24.05 -16.78
C LEU A 234 -24.86 24.46 -16.82
N PRO A 235 -25.59 24.00 -17.85
CA PRO A 235 -27.05 24.17 -17.91
C PRO A 235 -27.72 23.70 -16.61
N GLU A 236 -28.78 24.39 -16.20
CA GLU A 236 -29.47 24.07 -14.95
C GLU A 236 -30.05 22.64 -14.98
N SER A 237 -30.38 22.17 -16.17
CA SER A 237 -30.95 20.83 -16.34
C SER A 237 -29.90 19.72 -16.20
N PHE A 238 -28.64 20.09 -16.10
CA PHE A 238 -27.57 19.09 -16.08
C PHE A 238 -27.49 18.35 -14.74
N THR A 239 -27.14 17.07 -14.81
CA THR A 239 -27.01 16.20 -13.64
C THR A 239 -26.23 16.83 -12.49
N PRO B 19 13.92 -31.00 15.30
CA PRO B 19 15.22 -30.84 14.63
C PRO B 19 15.26 -29.54 13.86
N TRP B 20 16.42 -29.21 13.32
CA TRP B 20 16.63 -27.97 12.58
C TRP B 20 17.59 -28.22 11.45
N LYS B 21 17.28 -27.66 10.29
CA LYS B 21 18.13 -27.79 9.14
C LYS B 21 18.27 -26.45 8.43
N ALA B 22 19.51 -26.06 8.15
CA ALA B 22 19.76 -24.81 7.43
C ALA B 22 19.11 -24.84 6.05
N PRO B 23 18.66 -23.69 5.55
CA PRO B 23 18.12 -23.65 4.19
C PRO B 23 19.21 -23.84 3.14
N GLY B 24 18.91 -24.63 2.11
CA GLY B 24 19.80 -24.76 0.97
C GLY B 24 19.40 -23.78 -0.10
N PRO B 25 20.14 -23.80 -1.22
CA PRO B 25 19.88 -22.82 -2.28
C PRO B 25 18.52 -22.96 -2.97
N ASP B 26 17.82 -24.08 -2.78
CA ASP B 26 16.49 -24.29 -3.36
C ASP B 26 15.38 -24.02 -2.35
N ASP B 27 15.75 -23.63 -1.13
CA ASP B 27 14.79 -23.39 -0.07
C ASP B 27 14.55 -21.90 0.09
N VAL B 28 13.36 -21.44 -0.29
CA VAL B 28 13.13 -20.00 -0.25
C VAL B 28 12.80 -19.52 1.16
N ARG B 29 13.23 -18.30 1.45
CA ARG B 29 13.00 -17.67 2.74
C ARG B 29 12.52 -16.26 2.49
N GLY B 30 12.01 -15.61 3.53
CA GLY B 30 11.42 -14.30 3.38
C GLY B 30 11.90 -13.36 4.46
N PRO B 31 11.12 -12.30 4.70
CA PRO B 31 11.54 -11.22 5.61
C PRO B 31 11.10 -11.44 7.06
N CYS B 32 10.35 -12.52 7.30
CA CYS B 32 9.87 -12.82 8.64
C CYS B 32 10.80 -13.77 9.36
N PRO B 33 11.44 -13.31 10.45
CA PRO B 33 12.38 -14.22 11.15
C PRO B 33 11.66 -15.46 11.67
N MET B 34 10.40 -15.32 12.07
CA MET B 34 9.72 -16.48 12.66
C MET B 34 9.29 -17.50 11.60
N LEU B 35 8.69 -17.07 10.49
CA LEU B 35 8.31 -18.05 9.48
C LEU B 35 9.54 -18.74 8.90
N ASN B 36 10.64 -18.00 8.77
CA ASN B 36 11.88 -18.63 8.31
C ASN B 36 12.34 -19.73 9.27
N THR B 37 12.26 -19.41 10.56
CA THR B 37 12.59 -20.34 11.62
C THR B 37 11.70 -21.59 11.58
N LEU B 38 10.40 -21.37 11.40
CA LEU B 38 9.47 -22.50 11.35
C LEU B 38 9.72 -23.41 10.16
N ALA B 39 10.13 -22.82 9.04
CA ALA B 39 10.56 -23.61 7.90
C ALA B 39 11.85 -24.39 8.18
N ASN B 40 12.80 -23.74 8.86
CA ASN B 40 14.05 -24.44 9.16
C ASN B 40 13.84 -25.66 10.08
N HIS B 41 12.84 -25.58 10.96
CA HIS B 41 12.48 -26.69 11.86
C HIS B 41 11.51 -27.69 11.22
N GLY B 42 11.01 -27.37 10.04
CA GLY B 42 10.08 -28.27 9.36
C GLY B 42 8.62 -28.18 9.82
N PHE B 43 8.29 -27.19 10.66
CA PHE B 43 6.89 -26.92 10.97
C PHE B 43 6.15 -26.45 9.71
N LEU B 44 6.84 -25.62 8.93
CA LEU B 44 6.48 -25.27 7.56
C LEU B 44 7.36 -26.12 6.64
N PRO B 45 6.95 -26.28 5.37
CA PRO B 45 7.78 -27.06 4.44
C PRO B 45 9.19 -26.49 4.42
N HIS B 46 10.18 -27.36 4.47
CA HIS B 46 11.53 -26.86 4.59
C HIS B 46 11.95 -26.04 3.37
N ASP B 47 11.37 -26.32 2.20
CA ASP B 47 11.74 -25.52 1.03
C ASP B 47 10.99 -24.19 0.97
N GLY B 48 10.12 -23.92 1.95
CA GLY B 48 9.46 -22.63 2.05
C GLY B 48 8.32 -22.36 1.08
N LYS B 49 7.87 -23.40 0.37
CA LYS B 49 6.95 -23.24 -0.76
C LYS B 49 5.57 -23.80 -0.53
N ASN B 50 4.58 -23.19 -1.20
CA ASN B 50 3.28 -23.83 -1.38
C ASN B 50 2.59 -24.07 -0.04
N ILE B 51 2.52 -23.02 0.76
CA ILE B 51 1.96 -23.10 2.10
C ILE B 51 0.46 -22.78 2.07
N ASP B 52 -0.38 -23.76 2.41
CA ASP B 52 -1.84 -23.52 2.46
C ASP B 52 -2.29 -23.24 3.89
N VAL B 53 -3.59 -22.99 4.09
CA VAL B 53 -4.03 -22.50 5.39
C VAL B 53 -3.86 -23.55 6.49
N ASN B 54 -4.11 -24.83 6.18
CA ASN B 54 -3.94 -25.86 7.20
C ASN B 54 -2.47 -25.97 7.63
N THR B 55 -1.56 -25.79 6.68
CA THR B 55 -0.14 -25.82 6.99
C THR B 55 0.25 -24.65 7.90
N THR B 56 -0.22 -23.45 7.58
CA THR B 56 0.05 -22.29 8.43
C THR B 56 -0.50 -22.49 9.85
N VAL B 57 -1.76 -22.90 9.94
CA VAL B 57 -2.40 -23.04 11.25
C VAL B 57 -1.72 -24.12 12.07
N ASN B 58 -1.41 -25.26 11.46
CA ASN B 58 -0.74 -26.34 12.20
C ASN B 58 0.64 -25.90 12.69
N ALA B 59 1.37 -25.19 11.86
CA ALA B 59 2.71 -24.73 12.22
C ALA B 59 2.65 -23.75 13.39
N LEU B 60 1.80 -22.73 13.28
CA LEU B 60 1.73 -21.73 14.35
C LEU B 60 1.18 -22.31 15.65
N SER B 61 0.24 -23.24 15.54
CA SER B 61 -0.31 -23.86 16.73
C SER B 61 0.72 -24.77 17.38
N SER B 62 1.32 -25.66 16.59
CA SER B 62 2.24 -26.63 17.15
C SER B 62 3.50 -26.00 17.70
N ALA B 63 4.10 -25.08 16.96
CA ALA B 63 5.36 -24.49 17.39
C ALA B 63 5.18 -23.43 18.47
N LEU B 64 4.10 -22.65 18.41
CA LEU B 64 4.01 -21.41 19.18
C LEU B 64 2.74 -21.26 20.00
N ASN B 65 1.78 -22.16 19.80
CA ASN B 65 0.47 -22.10 20.45
C ASN B 65 -0.23 -20.75 20.24
N LEU B 66 -0.26 -20.27 19.00
CA LEU B 66 -1.14 -19.16 18.68
C LEU B 66 -2.58 -19.64 18.56
N ASP B 67 -3.53 -18.78 18.86
CA ASP B 67 -4.94 -19.11 18.66
C ASP B 67 -5.21 -19.36 17.17
N ASP B 68 -6.05 -20.34 16.85
CA ASP B 68 -6.27 -20.70 15.46
C ASP B 68 -6.88 -19.56 14.63
N GLU B 69 -7.73 -18.73 15.23
CA GLU B 69 -8.34 -17.60 14.51
C GLU B 69 -7.25 -16.61 14.09
N LEU B 70 -6.34 -16.31 15.00
CA LEU B 70 -5.22 -15.43 14.66
C LEU B 70 -4.39 -16.02 13.52
N SER B 71 -4.08 -17.32 13.61
CA SER B 71 -3.28 -17.96 12.56
C SER B 71 -3.97 -17.90 11.20
N ARG B 72 -5.27 -18.13 11.18
CA ARG B 72 -6.01 -18.08 9.92
C ARG B 72 -5.97 -16.68 9.32
N ASP B 73 -6.13 -15.66 10.16
CA ASP B 73 -6.11 -14.29 9.66
C ASP B 73 -4.71 -13.90 9.19
N LEU B 74 -3.67 -14.40 9.86
CA LEU B 74 -2.32 -14.16 9.37
C LEU B 74 -2.13 -14.81 7.99
N HIS B 75 -2.68 -16.00 7.82
CA HIS B 75 -2.59 -16.66 6.52
C HIS B 75 -3.27 -15.82 5.44
N THR B 76 -4.44 -15.28 5.77
CA THR B 76 -5.19 -14.43 4.83
C THR B 76 -4.35 -13.23 4.39
N PHE B 77 -3.66 -12.59 5.32
CA PHE B 77 -2.69 -11.54 4.94
C PHE B 77 -1.61 -12.09 4.02
N ALA B 78 -1.02 -13.23 4.38
CA ALA B 78 0.09 -13.79 3.61
C ALA B 78 -0.28 -14.04 2.16
N VAL B 79 -1.47 -14.55 1.91
CA VAL B 79 -1.79 -14.94 0.54
C VAL B 79 -1.94 -13.70 -0.37
N THR B 80 -2.16 -12.51 0.21
CA THR B 80 -2.23 -11.30 -0.63
C THR B 80 -0.86 -11.02 -1.29
N THR B 81 0.22 -11.62 -0.80
CA THR B 81 1.52 -11.39 -1.41
C THR B 81 1.79 -12.35 -2.57
N ASN B 82 0.98 -13.38 -2.70
CA ASN B 82 1.12 -14.25 -3.88
C ASN B 82 0.75 -13.49 -5.16
N PRO B 83 1.65 -13.45 -6.16
CA PRO B 83 1.32 -12.71 -7.38
C PRO B 83 0.09 -13.27 -8.12
N GLN B 84 -0.21 -14.55 -7.93
CA GLN B 84 -1.32 -15.18 -8.64
C GLN B 84 -2.67 -14.75 -8.06
N PRO B 85 -3.58 -14.25 -8.91
CA PRO B 85 -4.89 -13.90 -8.35
C PRO B 85 -5.67 -15.14 -7.91
N ASN B 86 -6.49 -14.97 -6.87
CA ASN B 86 -7.33 -16.04 -6.33
C ASN B 86 -6.52 -17.21 -5.79
N ALA B 87 -5.33 -16.92 -5.26
CA ALA B 87 -4.53 -17.97 -4.63
C ALA B 87 -4.96 -18.19 -3.19
N THR B 88 -4.85 -19.43 -2.72
CA THR B 88 -5.15 -19.76 -1.34
C THR B 88 -3.90 -20.16 -0.56
N TRP B 89 -2.74 -19.99 -1.21
CA TRP B 89 -1.45 -20.41 -0.67
C TRP B 89 -0.40 -19.32 -0.94
N PHE B 90 0.76 -19.44 -0.30
CA PHE B 90 1.87 -18.54 -0.57
C PHE B 90 3.18 -19.28 -0.33
N SER B 91 4.27 -18.69 -0.83
CA SER B 91 5.62 -19.18 -0.53
C SER B 91 6.38 -18.08 0.20
N LEU B 92 7.42 -18.44 0.93
CA LEU B 92 8.01 -17.46 1.85
C LEU B 92 8.61 -16.27 1.09
N ASN B 93 9.11 -16.48 -0.12
CA ASN B 93 9.73 -15.37 -0.85
C ASN B 93 8.68 -14.35 -1.32
N HIS B 94 7.43 -14.78 -1.46
CA HIS B 94 6.37 -13.84 -1.82
C HIS B 94 6.26 -12.73 -0.78
N LEU B 95 6.52 -13.08 0.47
CA LEU B 95 6.38 -12.14 1.57
C LEU B 95 7.37 -10.97 1.47
N SER B 96 8.44 -11.16 0.69
CA SER B 96 9.47 -10.13 0.57
C SER B 96 9.08 -8.95 -0.31
N ARG B 97 7.97 -9.07 -1.03
CA ARG B 97 7.56 -8.04 -1.97
C ARG B 97 7.37 -6.70 -1.27
N HIS B 98 8.13 -5.70 -1.70
CA HIS B 98 8.16 -4.43 -0.97
C HIS B 98 6.81 -3.73 -0.98
N ASN B 99 6.40 -3.29 0.21
CA ASN B 99 5.18 -2.50 0.43
C ASN B 99 3.89 -3.25 0.10
N VAL B 100 3.92 -4.58 0.23
CA VAL B 100 2.66 -5.32 0.36
C VAL B 100 2.53 -5.55 1.88
N LEU B 101 3.17 -6.59 2.42
CA LEU B 101 3.28 -6.76 3.88
C LEU B 101 4.66 -6.33 4.39
N GLU B 102 5.68 -6.44 3.54
CA GLU B 102 7.02 -5.97 3.88
C GLU B 102 7.04 -4.44 3.86
N HIS B 103 7.81 -3.85 4.76
CA HIS B 103 7.84 -2.39 4.89
C HIS B 103 9.20 -1.89 5.38
N ASP B 104 9.40 -0.58 5.23
CA ASP B 104 10.58 0.07 5.74
C ASP B 104 10.66 0.03 7.27
N ALA B 105 11.81 0.43 7.79
CA ALA B 105 12.06 0.56 9.24
C ALA B 105 11.94 -0.79 9.96
N SER B 106 12.33 -1.85 9.27
CA SER B 106 12.43 -3.16 9.88
C SER B 106 13.54 -3.17 10.93
N LEU B 107 13.40 -4.06 11.91
CA LEU B 107 14.34 -4.15 13.02
C LEU B 107 15.65 -4.84 12.63
N SER B 108 15.61 -5.66 11.59
CA SER B 108 16.76 -6.51 11.28
C SER B 108 17.05 -6.63 9.80
N ARG B 109 16.28 -5.91 8.97
CA ARG B 109 16.43 -5.93 7.52
C ARG B 109 16.72 -4.52 7.02
N GLN B 110 17.41 -4.40 5.88
CA GLN B 110 17.58 -3.12 5.21
C GLN B 110 16.25 -2.68 4.58
N ASP B 111 16.04 -1.37 4.50
CA ASP B 111 14.99 -0.83 3.64
C ASP B 111 15.28 -1.25 2.21
N ALA B 112 14.24 -1.56 1.44
CA ALA B 112 14.40 -1.96 0.04
C ALA B 112 15.20 -0.96 -0.81
N TYR B 113 15.12 0.32 -0.48
CA TYR B 113 15.88 1.32 -1.20
C TYR B 113 17.38 1.05 -1.14
N PHE B 114 17.84 0.53 0.00
CA PHE B 114 19.27 0.37 0.25
C PHE B 114 19.78 -1.03 -0.09
N GLY B 115 18.92 -2.02 0.05
CA GLY B 115 19.32 -3.38 -0.25
C GLY B 115 18.17 -4.35 -0.22
N PRO B 116 18.46 -5.63 -0.44
CA PRO B 116 17.40 -6.63 -0.43
C PRO B 116 16.72 -6.64 0.93
N PRO B 117 15.38 -6.47 0.97
CA PRO B 117 14.72 -6.37 2.28
C PRO B 117 14.29 -7.69 2.89
N ASP B 118 14.84 -8.80 2.42
CA ASP B 118 14.47 -10.10 2.96
C ASP B 118 15.46 -10.67 3.97
N VAL B 119 16.76 -10.54 3.70
CA VAL B 119 17.75 -11.22 4.52
C VAL B 119 18.14 -10.43 5.77
N PHE B 120 18.54 -11.17 6.80
CA PHE B 120 19.06 -10.58 8.02
C PHE B 120 20.25 -9.67 7.74
N ASN B 121 20.25 -8.51 8.40
CA ASN B 121 21.34 -7.56 8.26
C ASN B 121 21.88 -7.18 9.63
N ALA B 122 23.12 -7.58 9.91
CA ALA B 122 23.71 -7.38 11.23
C ALA B 122 23.82 -5.90 11.61
N ALA B 123 24.15 -5.05 10.66
CA ALA B 123 24.30 -3.62 10.95
C ALA B 123 22.98 -3.00 11.39
N VAL B 124 21.89 -3.33 10.73
CA VAL B 124 20.58 -2.84 11.14
C VAL B 124 20.22 -3.39 12.51
N PHE B 125 20.41 -4.70 12.70
CA PHE B 125 20.07 -5.31 13.97
C PHE B 125 20.90 -4.74 15.13
N ASN B 126 22.12 -4.32 14.84
CA ASN B 126 22.95 -3.70 15.86
C ASN B 126 22.34 -2.39 16.39
N GLU B 127 21.65 -1.65 15.51
CA GLU B 127 20.92 -0.46 15.96
C GLU B 127 19.79 -0.87 16.91
N THR B 128 18.95 -1.78 16.46
CA THR B 128 17.84 -2.27 17.27
C THR B 128 18.27 -2.74 18.65
N LYS B 129 19.29 -3.60 18.71
CA LYS B 129 19.74 -4.20 19.96
C LYS B 129 20.19 -3.16 20.97
N ALA B 130 20.66 -2.01 20.49
CA ALA B 130 21.12 -0.95 21.38
C ALA B 130 20.03 -0.47 22.34
N TYR B 131 18.76 -0.63 21.94
CA TYR B 131 17.63 -0.14 22.73
C TYR B 131 17.11 -1.22 23.69
N TRP B 132 17.65 -2.41 23.59
CA TRP B 132 17.31 -3.48 24.52
C TRP B 132 18.35 -3.46 25.64
N THR B 133 18.09 -2.69 26.68
CA THR B 133 19.18 -2.30 27.58
C THR B 133 19.56 -3.32 28.63
N GLY B 134 18.63 -4.17 29.03
CA GLY B 134 18.98 -5.16 30.03
C GLY B 134 19.00 -6.58 29.49
N ASP B 135 18.96 -7.54 30.40
CA ASP B 135 18.83 -8.94 30.02
C ASP B 135 17.38 -9.30 29.70
N ILE B 136 16.46 -8.43 30.09
CA ILE B 136 15.04 -8.64 29.82
C ILE B 136 14.50 -7.46 29.03
N ILE B 137 13.85 -7.74 27.89
CA ILE B 137 13.22 -6.70 27.10
C ILE B 137 11.81 -6.46 27.60
N ASN B 138 11.48 -5.20 27.90
CA ASN B 138 10.09 -4.85 28.24
C ASN B 138 9.46 -4.03 27.12
N PHE B 139 8.19 -3.64 27.31
CA PHE B 139 7.49 -2.96 26.22
C PHE B 139 8.08 -1.56 25.96
N GLN B 140 8.60 -0.88 26.97
CA GLN B 140 9.22 0.41 26.71
C GLN B 140 10.45 0.27 25.82
N MET B 141 11.30 -0.71 26.12
CA MET B 141 12.46 -0.96 25.28
C MET B 141 12.07 -1.30 23.85
N ALA B 142 11.05 -2.14 23.70
CA ALA B 142 10.58 -2.54 22.37
C ALA B 142 10.03 -1.33 21.62
N ALA B 143 9.26 -0.49 22.32
CA ALA B 143 8.73 0.74 21.73
C ALA B 143 9.87 1.65 21.29
N ASN B 144 10.91 1.72 22.11
CA ASN B 144 12.06 2.58 21.80
C ASN B 144 12.81 2.11 20.56
N ALA B 145 13.00 0.79 20.43
CA ALA B 145 13.72 0.26 19.28
C ALA B 145 12.93 0.56 17.99
N LEU B 146 11.62 0.37 18.02
CA LEU B 146 10.79 0.62 16.86
C LEU B 146 10.81 2.11 16.51
N THR B 147 10.69 2.97 17.52
CA THR B 147 10.78 4.41 17.33
C THR B 147 12.09 4.79 16.66
N ALA B 148 13.20 4.26 17.15
CA ALA B 148 14.50 4.60 16.60
C ALA B 148 14.62 4.19 15.14
N ARG B 149 14.15 2.98 14.83
CA ARG B 149 14.26 2.50 13.46
C ARG B 149 13.38 3.33 12.51
N LEU B 150 12.18 3.71 12.95
CA LEU B 150 11.31 4.58 12.17
C LEU B 150 11.97 5.93 11.89
N MET B 151 12.55 6.54 12.92
CA MET B 151 13.21 7.83 12.72
C MET B 151 14.45 7.71 11.84
N THR B 152 15.22 6.63 12.00
CA THR B 152 16.39 6.41 11.16
C THR B 152 16.01 6.29 9.69
N SER B 153 15.00 5.46 9.39
CA SER B 153 14.55 5.32 8.00
C SER B 153 14.05 6.65 7.46
N ASN B 154 13.27 7.38 8.26
CA ASN B 154 12.73 8.66 7.81
C ASN B 154 13.84 9.66 7.48
N LEU B 155 14.93 9.62 8.25
CA LEU B 155 16.01 10.58 8.05
C LEU B 155 16.99 10.16 6.96
N THR B 156 17.04 8.88 6.61
CA THR B 156 18.09 8.43 5.70
C THR B 156 17.60 7.92 4.34
N ASN B 157 16.34 7.50 4.27
CA ASN B 157 15.82 6.87 3.06
C ASN B 157 14.97 7.86 2.28
N PRO B 158 15.45 8.31 1.11
CA PRO B 158 14.69 9.34 0.38
C PRO B 158 13.37 8.80 -0.18
N GLU B 159 13.22 7.48 -0.19
CA GLU B 159 11.99 6.84 -0.65
C GLU B 159 11.20 6.24 0.51
N PHE B 160 11.52 6.63 1.75
CA PHE B 160 10.83 6.12 2.92
C PHE B 160 9.32 6.22 2.78
N SER B 161 8.63 5.12 3.08
CA SER B 161 7.18 5.14 3.13
C SER B 161 6.70 4.43 4.37
N MET B 162 5.70 5.00 5.02
CA MET B 162 5.09 4.36 6.17
C MET B 162 3.63 4.77 6.22
N SER B 163 2.79 3.95 5.62
CA SER B 163 1.35 4.15 5.66
C SER B 163 0.85 3.80 7.06
N GLN B 164 -0.40 4.16 7.34
CA GLN B 164 -1.01 3.76 8.62
C GLN B 164 -1.03 2.24 8.72
N LEU B 165 -1.23 1.61 7.58
CA LEU B 165 -1.21 0.16 7.51
C LEU B 165 0.16 -0.41 7.89
N GLY B 166 1.21 0.12 7.27
CA GLY B 166 2.57 -0.31 7.58
C GLY B 166 2.95 -0.06 9.04
N ARG B 167 2.50 1.07 9.57
CA ARG B 167 2.69 1.40 10.96
C ARG B 167 2.08 0.35 11.87
N GLY B 168 0.85 -0.06 11.53
CA GLY B 168 0.20 -1.11 12.29
C GLY B 168 0.95 -2.43 12.20
N PHE B 169 1.41 -2.76 11.00
CA PHE B 169 2.20 -3.97 10.80
C PHE B 169 3.40 -3.99 11.74
N GLY B 170 4.16 -2.89 11.78
CA GLY B 170 5.31 -2.79 12.67
C GLY B 170 4.97 -2.99 14.14
N LEU B 171 3.85 -2.43 14.58
CA LEU B 171 3.40 -2.65 15.96
C LEU B 171 3.14 -4.11 16.24
N GLY B 172 2.45 -4.78 15.31
CA GLY B 172 2.16 -6.20 15.46
C GLY B 172 3.44 -7.03 15.52
N GLU B 173 4.41 -6.72 14.68
CA GLU B 173 5.66 -7.47 14.67
C GLU B 173 6.38 -7.34 16.01
N THR B 174 6.39 -6.14 16.59
CA THR B 174 7.06 -5.93 17.87
C THR B 174 6.33 -6.67 19.01
N VAL B 175 5.00 -6.58 19.04
CA VAL B 175 4.27 -7.36 20.04
C VAL B 175 4.57 -8.84 19.88
N CYS B 176 4.68 -9.31 18.64
CA CYS B 176 4.93 -10.72 18.40
C CYS B 176 6.28 -11.19 18.96
N TYR B 177 7.39 -10.49 18.75
CA TYR B 177 8.62 -11.08 19.27
C TYR B 177 8.67 -11.04 20.80
N VAL B 178 8.03 -10.05 21.43
CA VAL B 178 8.04 -10.00 22.89
C VAL B 178 7.14 -11.07 23.48
N THR B 179 5.91 -11.16 22.98
CA THR B 179 4.94 -12.00 23.67
C THR B 179 4.88 -13.45 23.15
N ILE B 180 5.39 -13.72 21.95
CA ILE B 180 5.35 -15.10 21.47
C ILE B 180 6.62 -15.86 21.90
N LEU B 181 7.76 -15.15 21.97
CA LEU B 181 8.95 -15.74 22.56
C LEU B 181 8.97 -15.61 24.08
N GLY B 182 8.24 -14.62 24.60
CA GLY B 182 8.24 -14.33 26.01
C GLY B 182 6.88 -14.50 26.66
N SER B 183 6.47 -13.50 27.44
CA SER B 183 5.25 -13.61 28.23
C SER B 183 4.28 -12.48 27.93
N LYS B 184 3.08 -12.79 27.46
CA LYS B 184 2.06 -11.77 27.31
C LYS B 184 1.59 -11.29 28.67
N GLU B 185 1.72 -12.12 29.70
CA GLU B 185 1.27 -11.76 31.04
C GLU B 185 2.14 -10.69 31.69
N THR B 186 3.45 -10.83 31.57
CA THR B 186 4.38 -9.85 32.15
C THR B 186 4.81 -8.81 31.13
N ARG B 187 4.46 -9.04 29.87
CA ARG B 187 4.87 -8.19 28.73
C ARG B 187 6.39 -8.01 28.66
N THR B 188 7.10 -9.13 28.82
CA THR B 188 8.56 -9.15 28.75
C THR B 188 9.06 -10.40 28.08
N VAL B 189 10.31 -10.36 27.65
CA VAL B 189 10.97 -11.53 27.06
C VAL B 189 12.47 -11.47 27.36
N PRO B 190 13.12 -12.63 27.58
CA PRO B 190 14.59 -12.59 27.69
C PRO B 190 15.23 -12.08 26.41
N LYS B 191 16.13 -11.10 26.53
CA LYS B 191 16.79 -10.56 25.34
C LYS B 191 17.49 -11.65 24.55
N ALA B 192 18.11 -12.60 25.26
CA ALA B 192 18.84 -13.65 24.56
C ALA B 192 17.92 -14.50 23.67
N PHE B 193 16.65 -14.67 24.05
CA PHE B 193 15.72 -15.45 23.20
C PHE B 193 15.53 -14.76 21.86
N VAL B 194 15.36 -13.43 21.93
CA VAL B 194 15.06 -12.65 20.74
C VAL B 194 16.28 -12.58 19.84
N GLU B 195 17.44 -12.30 20.42
CA GLU B 195 18.68 -12.25 19.62
C GLU B 195 18.93 -13.60 18.96
N TYR B 196 18.67 -14.69 19.69
CA TYR B 196 18.86 -16.03 19.15
C TYR B 196 17.94 -16.29 17.94
N LEU B 197 16.66 -15.93 18.04
CA LEU B 197 15.72 -16.14 16.93
C LEU B 197 16.17 -15.36 15.70
N PHE B 198 16.45 -14.06 15.88
CA PHE B 198 16.84 -13.24 14.72
C PHE B 198 18.17 -13.67 14.10
N GLU B 199 19.16 -13.97 14.93
CA GLU B 199 20.51 -14.21 14.40
C GLU B 199 20.68 -15.63 13.84
N ASN B 200 19.88 -16.57 14.33
CA ASN B 200 20.05 -17.97 13.92
C ASN B 200 18.86 -18.53 13.11
N GLU B 201 17.73 -17.85 13.16
CA GLU B 201 16.45 -18.35 12.65
C GLU B 201 16.24 -19.81 13.07
N ARG B 202 16.33 -19.96 14.39
CA ARG B 202 16.18 -21.22 15.11
C ARG B 202 15.45 -20.85 16.40
N LEU B 203 14.52 -21.69 16.86
CA LEU B 203 13.84 -21.40 18.12
C LEU B 203 14.83 -21.62 19.26
N PRO B 204 14.81 -20.73 20.27
CA PRO B 204 15.80 -20.79 21.36
C PRO B 204 15.52 -21.87 22.41
N TYR B 205 15.21 -23.07 21.94
CA TYR B 205 14.98 -24.20 22.83
C TYR B 205 16.15 -24.42 23.79
N GLU B 206 17.38 -24.26 23.28
CA GLU B 206 18.53 -24.58 24.10
C GLU B 206 18.77 -23.54 25.19
N LEU B 207 18.08 -22.42 25.09
CA LEU B 207 18.13 -21.37 26.11
C LEU B 207 16.98 -21.50 27.10
N GLY B 208 16.11 -22.49 26.86
CA GLY B 208 15.01 -22.76 27.77
C GLY B 208 13.63 -22.39 27.26
N PHE B 209 13.53 -21.94 26.01
CA PHE B 209 12.23 -21.54 25.47
C PHE B 209 11.26 -22.71 25.40
N LYS B 210 10.03 -22.48 25.88
CA LYS B 210 8.92 -23.39 25.70
C LYS B 210 7.72 -22.54 25.28
N LYS B 211 6.95 -23.01 24.31
CA LYS B 211 5.80 -22.24 23.81
C LYS B 211 4.80 -21.91 24.93
N MET B 212 4.12 -20.79 24.76
CA MET B 212 3.18 -20.29 25.76
C MET B 212 2.07 -21.29 26.09
N LYS B 213 1.65 -21.34 27.35
CA LYS B 213 0.57 -22.22 27.77
C LYS B 213 -0.81 -21.69 27.36
N SER B 214 -0.98 -20.38 27.44
CA SER B 214 -2.23 -19.72 27.09
C SER B 214 -2.12 -19.10 25.70
N ALA B 215 -2.90 -19.62 24.75
CA ALA B 215 -2.76 -19.21 23.35
C ALA B 215 -3.00 -17.71 23.16
N LEU B 216 -2.14 -17.09 22.36
CA LEU B 216 -2.30 -15.66 22.05
C LEU B 216 -3.46 -15.45 21.12
N THR B 217 -4.37 -14.56 21.49
CA THR B 217 -5.55 -14.28 20.69
C THR B 217 -5.39 -12.98 19.92
N GLU B 218 -6.24 -12.80 18.92
CA GLU B 218 -6.26 -11.59 18.12
C GLU B 218 -6.55 -10.36 18.97
N ASP B 219 -7.51 -10.49 19.88
CA ASP B 219 -7.84 -9.39 20.77
C ASP B 219 -6.68 -9.00 21.69
N GLU B 220 -5.95 -9.98 22.20
CA GLU B 220 -4.79 -9.67 23.04
C GLU B 220 -3.73 -8.94 22.22
N LEU B 221 -3.46 -9.45 21.02
CA LEU B 221 -2.47 -8.84 20.14
C LEU B 221 -2.83 -7.38 19.84
N THR B 222 -4.09 -7.13 19.47
CA THR B 222 -4.56 -5.77 19.18
C THR B 222 -4.39 -4.83 20.37
N THR B 223 -4.78 -5.30 21.54
CA THR B 223 -4.61 -4.51 22.76
C THR B 223 -3.15 -4.14 22.98
N MET B 224 -2.28 -5.12 22.81
CA MET B 224 -0.87 -4.87 23.09
C MET B 224 -0.22 -3.99 22.01
N MET B 225 -0.72 -4.05 20.79
CA MET B 225 -0.24 -3.12 19.75
C MET B 225 -0.50 -1.67 20.18
N GLY B 226 -1.68 -1.39 20.73
CA GLY B 226 -1.99 -0.06 21.24
C GLY B 226 -1.06 0.30 22.39
N GLU B 227 -0.70 -0.67 23.22
CA GLU B 227 0.23 -0.40 24.33
C GLU B 227 1.60 0.03 23.82
N ILE B 228 2.13 -0.69 22.85
CA ILE B 228 3.43 -0.32 22.28
C ILE B 228 3.34 1.10 21.71
N TYR B 229 2.29 1.36 20.93
CA TYR B 229 2.08 2.69 20.35
C TYR B 229 2.12 3.78 21.42
N SER B 230 1.46 3.53 22.55
CA SER B 230 1.35 4.52 23.62
C SER B 230 2.69 4.84 24.28
N LEU B 231 3.66 3.93 24.14
CA LEU B 231 4.97 4.10 24.77
C LEU B 231 6.02 4.66 23.81
N GLN B 232 5.66 4.80 22.54
CA GLN B 232 6.58 5.38 21.58
C GLN B 232 6.63 6.89 21.70
N HIS B 233 7.77 7.43 21.28
CA HIS B 233 7.97 8.87 21.29
C HIS B 233 8.37 9.36 19.91
N LEU B 234 7.39 9.31 19.02
CA LEU B 234 7.53 9.82 17.67
C LEU B 234 6.96 11.22 17.58
N PRO B 235 7.35 11.97 16.54
CA PRO B 235 6.72 13.28 16.31
C PRO B 235 5.19 13.17 16.25
N GLU B 236 4.50 14.21 16.72
CA GLU B 236 3.04 14.18 16.77
C GLU B 236 2.47 14.02 15.37
N SER B 237 3.22 14.50 14.38
CA SER B 237 2.79 14.43 12.99
C SER B 237 3.12 13.09 12.33
N PHE B 238 3.84 12.22 13.03
CA PHE B 238 4.25 10.94 12.45
C PHE B 238 3.02 10.05 12.24
N THR B 239 3.01 9.32 11.12
CA THR B 239 1.95 8.36 10.81
C THR B 239 1.43 7.58 12.01
N LYS B 240 0.10 7.56 12.17
CA LYS B 240 -0.54 6.78 13.23
C LYS B 240 -1.03 5.44 12.67
N PRO B 241 -1.09 4.39 13.49
CA PRO B 241 -1.58 3.08 13.05
C PRO B 241 -3.08 3.08 12.76
#